data_4WLZ
#
_entry.id   4WLZ
#
_cell.length_a   89.662
_cell.length_b   89.662
_cell.length_c   154.987
_cell.angle_alpha   90.00
_cell.angle_beta   90.00
_cell.angle_gamma   120.00
#
_symmetry.space_group_name_H-M   'P 31 2 1'
#
loop_
_entity.id
_entity.type
_entity.pdbx_description
1 polymer 'Xyloside xylosyltransferase 1'
2 non-polymer 'MANGANESE (II) ION'
3 non-polymer "URIDINE-5'-DIPHOSPHATE"
4 non-polymer 'SULFATE ION'
#
_entity_poly.entity_id   1
_entity_poly.type   'polypeptide(L)'
_entity_poly.pdbx_seq_one_letter_code
;SLEGGVVVPVDYHLLMMFTKAEHNAPLQAKARVALSSLLRLAKFEAHEVLNLHFVSEEASREVAKALLRELLPPAAGFKC
KVIFHDVAVLTDKLFPVVEAMQKYFSAGSGTYYSDSIFFLSVAMHQIMPKEIPRIIQLDLDLKYKTNIRELFEEFDNFLP
GAVIGIAREMQPVYRHTFWQFRHENPKTRVGDPPPEGLPGFNSGVMLLNLEAMRQSPLYSHLLEPSWVQQLADKYHFRGH
LGDQDFFTMIGMEHPELFHVLDCTWNRQLCTWWRDHGYSDVFQAYFRCEGHVKIYHGNCNTPIPED
;
_entity_poly.pdbx_strand_id   A,B
#
# COMPACT_ATOMS: atom_id res chain seq x y z
N PRO A 9 19.96 -23.53 -7.95
CA PRO A 9 19.97 -23.30 -6.51
C PRO A 9 19.16 -22.07 -6.11
N VAL A 10 18.56 -22.09 -4.92
CA VAL A 10 17.79 -20.97 -4.40
C VAL A 10 18.38 -20.48 -3.08
N ASP A 11 18.57 -19.17 -2.95
CA ASP A 11 19.23 -18.58 -1.79
C ASP A 11 18.26 -18.03 -0.75
N TYR A 12 18.52 -18.35 0.51
CA TYR A 12 17.81 -17.75 1.65
C TYR A 12 18.82 -17.06 2.54
N HIS A 13 18.63 -15.77 2.78
CA HIS A 13 19.61 -14.97 3.50
C HIS A 13 19.14 -14.54 4.87
N LEU A 14 20.03 -14.71 5.86
CA LEU A 14 19.80 -14.21 7.21
C LEU A 14 20.97 -13.31 7.60
N LEU A 15 20.67 -12.23 8.33
CA LEU A 15 21.71 -11.32 8.81
C LEU A 15 21.67 -11.18 10.33
N MET A 16 22.86 -11.14 10.94
CA MET A 16 22.98 -11.03 12.39
C MET A 16 24.07 -10.06 12.82
N MET A 17 23.78 -9.26 13.84
CA MET A 17 24.74 -8.35 14.43
C MET A 17 25.54 -9.10 15.49
N PHE A 18 26.86 -9.12 15.35
CA PHE A 18 27.73 -9.84 16.28
C PHE A 18 28.96 -8.98 16.58
N THR A 19 28.73 -7.85 17.24
CA THR A 19 29.75 -6.85 17.53
C THR A 19 30.20 -6.95 18.98
N LYS A 20 31.48 -6.66 19.22
CA LYS A 20 32.07 -6.63 20.57
C LYS A 20 31.81 -7.91 21.37
N ALA A 21 31.94 -9.06 20.70
CA ALA A 21 31.70 -10.36 21.33
C ALA A 21 32.94 -10.89 22.05
N GLU A 22 34.11 -10.33 21.71
CA GLU A 22 35.37 -10.68 22.35
C GLU A 22 35.31 -10.40 23.85
N HIS A 23 35.64 -11.41 24.64
CA HIS A 23 35.59 -11.36 26.12
C HIS A 23 34.22 -11.03 26.66
N ASN A 24 33.19 -11.51 25.99
CA ASN A 24 31.80 -11.29 26.42
C ASN A 24 31.08 -12.62 26.65
N ALA A 25 30.98 -13.01 27.92
CA ALA A 25 30.33 -14.27 28.31
C ALA A 25 28.80 -14.24 28.16
N PRO A 26 28.13 -13.16 28.61
CA PRO A 26 26.67 -13.06 28.41
C PRO A 26 26.25 -13.09 26.94
N LEU A 27 27.01 -12.44 26.07
CA LEU A 27 26.70 -12.39 24.63
C LEU A 27 26.93 -13.75 23.97
N GLN A 28 28.06 -14.38 24.28
CA GLN A 28 28.41 -15.68 23.71
C GLN A 28 27.48 -16.80 24.15
N ALA A 29 26.87 -16.65 25.33
CA ALA A 29 25.85 -17.57 25.80
C ALA A 29 24.57 -17.43 24.98
N LYS A 30 24.17 -16.19 24.72
CA LYS A 30 23.01 -15.88 23.89
C LYS A 30 23.17 -16.42 22.48
N ALA A 31 24.32 -16.14 21.86
CA ALA A 31 24.63 -16.58 20.51
C ALA A 31 24.71 -18.11 20.41
N ARG A 32 24.94 -18.76 21.54
CA ARG A 32 24.93 -20.23 21.59
C ARG A 32 23.49 -20.75 21.60
N VAL A 33 22.65 -20.17 22.47
CA VAL A 33 21.23 -20.51 22.54
C VAL A 33 20.55 -20.25 21.19
N ALA A 34 20.85 -19.10 20.59
CA ALA A 34 20.27 -18.69 19.32
C ALA A 34 20.69 -19.58 18.14
N LEU A 35 22.00 -19.65 17.89
CA LEU A 35 22.53 -20.37 16.73
C LEU A 35 22.33 -21.89 16.80
N SER A 36 22.39 -22.45 18.01
CA SER A 36 22.16 -23.89 18.20
C SER A 36 20.73 -24.25 17.85
N SER A 37 19.77 -23.50 18.38
CA SER A 37 18.34 -23.71 18.10
C SER A 37 18.00 -23.47 16.63
N LEU A 38 18.63 -22.46 16.03
CA LEU A 38 18.44 -22.15 14.62
C LEU A 38 18.81 -23.34 13.74
N LEU A 39 20.03 -23.83 13.91
CA LEU A 39 20.61 -24.86 13.03
C LEU A 39 20.09 -26.27 13.30
N ARG A 40 19.80 -26.56 14.58
CA ARG A 40 19.28 -27.87 14.97
C ARG A 40 17.88 -28.11 14.40
N LEU A 41 17.13 -27.02 14.19
CA LEU A 41 15.75 -27.11 13.72
C LEU A 41 15.57 -26.67 12.26
N ALA A 42 16.59 -26.04 11.69
CA ALA A 42 16.54 -25.58 10.30
C ALA A 42 16.70 -26.74 9.31
N LYS A 43 15.73 -26.88 8.42
CA LYS A 43 15.75 -27.92 7.39
C LYS A 43 15.33 -27.37 6.04
N PHE A 44 16.20 -27.51 5.05
CA PHE A 44 15.99 -26.99 3.71
C PHE A 44 16.10 -28.09 2.65
N GLU A 45 15.65 -27.77 1.43
CA GLU A 45 15.75 -28.70 0.30
C GLU A 45 17.15 -28.73 -0.29
N ALA A 46 17.48 -29.81 -0.99
CA ALA A 46 18.84 -30.10 -1.44
C ALA A 46 19.41 -29.10 -2.46
N HIS A 47 18.55 -28.56 -3.31
CA HIS A 47 18.97 -27.60 -4.33
C HIS A 47 19.22 -26.22 -3.78
N GLU A 48 18.46 -25.86 -2.75
CA GLU A 48 18.54 -24.52 -2.14
C GLU A 48 19.57 -24.44 -1.01
N VAL A 49 20.00 -23.22 -0.69
CA VAL A 49 21.10 -22.98 0.25
C VAL A 49 20.83 -21.82 1.21
N LEU A 50 21.19 -22.02 2.49
CA LEU A 50 21.01 -21.02 3.54
C LEU A 50 22.27 -20.16 3.70
N ASN A 51 22.11 -18.85 3.60
CA ASN A 51 23.23 -17.92 3.70
C ASN A 51 23.20 -17.13 5.01
N LEU A 52 24.21 -17.33 5.85
CA LEU A 52 24.28 -16.69 7.16
C LEU A 52 25.28 -15.53 7.17
N HIS A 53 24.75 -14.32 7.09
CA HIS A 53 25.56 -13.11 7.13
C HIS A 53 25.78 -12.64 8.54
N PHE A 54 26.98 -12.13 8.81
CA PHE A 54 27.31 -11.54 10.10
C PHE A 54 28.01 -10.21 9.86
N VAL A 55 27.61 -9.17 10.58
CA VAL A 55 28.43 -7.96 10.63
C VAL A 55 29.19 -7.97 11.96
N SER A 56 30.50 -8.13 11.85
CA SER A 56 31.35 -8.26 13.01
C SER A 56 32.68 -7.61 12.71
N GLU A 57 33.42 -7.32 13.78
CA GLU A 57 34.78 -6.84 13.64
C GLU A 57 35.73 -8.03 13.70
N GLU A 58 36.89 -7.83 13.13
CA GLU A 58 37.93 -8.81 13.09
C GLU A 58 37.98 -9.62 14.35
N ALA A 59 37.75 -8.98 15.48
CA ALA A 59 37.82 -9.65 16.77
C ALA A 59 36.68 -10.59 17.05
N SER A 60 35.47 -10.13 16.83
CA SER A 60 34.31 -11.00 17.02
C SER A 60 34.07 -11.95 15.85
N ARG A 61 34.64 -11.62 14.70
CA ARG A 61 34.60 -12.49 13.53
C ARG A 61 35.22 -13.86 13.86
N GLU A 62 36.31 -13.83 14.62
CA GLU A 62 36.97 -15.05 15.10
C GLU A 62 36.05 -15.84 16.03
N VAL A 63 35.38 -15.12 16.93
CA VAL A 63 34.47 -15.73 17.92
C VAL A 63 33.30 -16.44 17.24
N ALA A 64 32.78 -15.82 16.18
CA ALA A 64 31.68 -16.41 15.41
C ALA A 64 32.11 -17.68 14.69
N LYS A 65 33.14 -17.58 13.85
CA LYS A 65 33.69 -18.73 13.12
C LYS A 65 33.96 -19.93 14.04
N ALA A 66 34.53 -19.64 15.21
CA ALA A 66 34.82 -20.68 16.21
C ALA A 66 33.56 -21.31 16.79
N LEU A 67 32.48 -20.53 16.87
CA LEU A 67 31.22 -21.02 17.42
C LEU A 67 30.43 -21.84 16.40
N LEU A 68 30.57 -21.51 15.12
CA LEU A 68 29.86 -22.21 14.06
C LEU A 68 30.41 -23.61 13.78
N ARG A 69 31.71 -23.81 14.05
CA ARG A 69 32.37 -25.10 13.89
C ARG A 69 31.77 -26.17 14.80
N GLU A 70 31.32 -25.75 15.98
CA GLU A 70 30.72 -26.62 16.97
C GLU A 70 29.32 -27.07 16.52
N LEU A 71 28.76 -26.36 15.53
CA LEU A 71 27.37 -26.56 15.11
C LEU A 71 27.20 -26.96 13.63
N LEU A 72 28.33 -27.10 12.92
CA LEU A 72 28.32 -27.58 11.53
C LEU A 72 28.81 -29.02 11.44
N PHE A 78 21.44 -29.87 3.32
CA PHE A 78 21.48 -28.50 2.79
C PHE A 78 22.81 -27.83 3.09
N LYS A 79 23.31 -27.08 2.11
CA LYS A 79 24.51 -26.27 2.30
C LYS A 79 24.11 -25.01 3.05
N CYS A 80 25.02 -24.50 3.89
CA CYS A 80 24.83 -23.20 4.54
C CYS A 80 26.09 -22.35 4.50
N LYS A 81 26.13 -21.44 3.54
CA LYS A 81 27.26 -20.52 3.36
C LYS A 81 27.26 -19.46 4.46
N VAL A 82 28.45 -19.18 5.01
CA VAL A 82 28.61 -18.21 6.08
C VAL A 82 29.38 -16.99 5.57
N ILE A 83 28.70 -15.85 5.51
CA ILE A 83 29.32 -14.62 5.01
C ILE A 83 29.59 -13.65 6.16
N PHE A 84 30.79 -13.07 6.15
CA PHE A 84 31.17 -12.07 7.15
C PHE A 84 31.31 -10.69 6.56
N HIS A 85 30.59 -9.74 7.14
CA HIS A 85 30.62 -8.35 6.72
C HIS A 85 31.41 -7.54 7.69
N ASP A 86 32.26 -6.67 7.16
CA ASP A 86 33.12 -5.82 7.97
C ASP A 86 32.29 -4.69 8.56
N VAL A 87 32.28 -4.59 9.90
CA VAL A 87 31.55 -3.54 10.63
C VAL A 87 31.87 -2.16 10.08
N ALA A 88 33.15 -1.85 9.93
CA ALA A 88 33.60 -0.53 9.49
C ALA A 88 33.16 -0.21 8.05
N VAL A 89 33.25 -1.19 7.17
CA VAL A 89 32.90 -1.00 5.75
C VAL A 89 31.42 -0.64 5.58
N LEU A 90 30.55 -1.35 6.29
CA LEU A 90 29.12 -1.08 6.25
C LEU A 90 28.77 0.26 6.89
N THR A 91 29.42 0.58 8.01
CA THR A 91 29.25 1.85 8.72
C THR A 91 29.59 3.03 7.81
N ASP A 92 30.76 2.95 7.18
CA ASP A 92 31.24 3.97 6.25
C ASP A 92 30.31 4.12 5.05
N LYS A 93 29.70 3.02 4.62
CA LYS A 93 28.73 3.03 3.53
C LYS A 93 27.38 3.61 4.00
N LEU A 94 27.02 3.35 5.26
CA LEU A 94 25.75 3.82 5.83
C LEU A 94 25.72 5.32 6.11
N PHE A 95 26.81 5.84 6.67
CA PHE A 95 26.87 7.23 7.17
C PHE A 95 26.33 8.33 6.25
N PRO A 96 26.71 8.35 4.96
CA PRO A 96 26.17 9.42 4.10
C PRO A 96 24.67 9.33 3.86
N VAL A 97 24.08 8.17 4.16
CA VAL A 97 22.67 7.90 3.89
C VAL A 97 21.81 8.06 5.14
N VAL A 98 22.43 7.88 6.30
CA VAL A 98 21.69 7.71 7.56
C VAL A 98 22.04 8.74 8.64
N GLU A 99 22.78 9.78 8.23
CA GLU A 99 23.22 10.84 9.14
C GLU A 99 22.06 11.65 9.72
N ALA A 100 21.09 11.97 8.88
CA ALA A 100 20.00 12.88 9.24
C ALA A 100 18.90 12.25 10.12
N MET A 101 19.11 11.01 10.58
CA MET A 101 18.11 10.34 11.40
C MET A 101 18.63 9.71 12.70
N GLN A 102 19.91 9.90 12.99
CA GLN A 102 20.43 9.51 14.31
C GLN A 102 20.28 10.64 15.32
N LYS A 103 19.84 11.80 14.85
CA LYS A 103 19.51 12.93 15.74
C LYS A 103 18.03 12.97 16.10
N TYR A 104 17.28 11.97 15.62
CA TYR A 104 15.86 11.82 15.95
C TYR A 104 15.58 10.48 16.64
N PHE A 105 16.36 9.46 16.27
CA PHE A 105 16.13 8.10 16.74
C PHE A 105 17.26 7.57 17.63
N SER A 106 18.32 8.37 17.75
CA SER A 106 19.37 8.16 18.74
C SER A 106 19.75 9.52 19.32
N ALA A 107 18.73 10.24 19.81
CA ALA A 107 18.84 11.66 20.17
C ALA A 107 19.69 11.95 21.41
N TYR A 112 29.41 9.89 17.38
CA TYR A 112 28.26 10.30 16.59
C TYR A 112 28.24 9.61 15.22
N TYR A 113 29.39 9.63 14.54
CA TYR A 113 29.55 8.96 13.25
C TYR A 113 29.57 7.43 13.40
N SER A 114 30.24 6.97 14.45
CA SER A 114 30.46 5.55 14.72
C SER A 114 29.17 4.75 14.91
N ASP A 115 28.08 5.45 15.25
CA ASP A 115 26.81 4.82 15.57
C ASP A 115 25.86 4.79 14.37
N SER A 116 26.43 4.69 13.17
CA SER A 116 25.65 4.61 11.94
C SER A 116 25.18 3.18 11.65
N ILE A 117 25.88 2.20 12.22
CA ILE A 117 25.59 0.78 12.00
C ILE A 117 24.31 0.31 12.71
N PHE A 118 23.74 1.18 13.54
CA PHE A 118 22.49 0.87 14.26
C PHE A 118 21.26 1.19 13.41
N PHE A 119 21.51 1.73 12.21
CA PHE A 119 20.44 2.07 11.28
C PHE A 119 20.57 1.25 10.00
N LEU A 120 21.23 0.09 10.12
CA LEU A 120 21.49 -0.80 9.00
C LEU A 120 20.21 -1.29 8.31
N SER A 121 19.28 -1.82 9.09
CA SER A 121 18.02 -2.35 8.57
C SER A 121 17.28 -1.34 7.70
N VAL A 122 17.34 -0.07 8.11
CA VAL A 122 16.67 1.03 7.41
C VAL A 122 17.19 1.20 5.98
N ALA A 123 18.49 0.98 5.79
CA ALA A 123 19.12 1.15 4.48
C ALA A 123 19.74 -0.14 3.96
N MET A 124 19.13 -1.28 4.29
CA MET A 124 19.63 -2.59 3.90
C MET A 124 19.67 -2.78 2.38
N HIS A 125 18.69 -2.21 1.68
CA HIS A 125 18.58 -2.34 0.23
C HIS A 125 19.71 -1.68 -0.52
N GLN A 126 20.24 -0.59 0.04
CA GLN A 126 21.34 0.14 -0.59
C GLN A 126 22.71 -0.41 -0.20
N ILE A 127 22.79 -1.06 0.97
CA ILE A 127 24.04 -1.63 1.47
C ILE A 127 24.32 -3.01 0.87
N MET A 128 23.27 -3.82 0.75
CA MET A 128 23.39 -5.17 0.19
C MET A 128 23.37 -5.17 -1.34
N PRO A 129 24.02 -6.16 -1.97
CA PRO A 129 24.02 -6.26 -3.43
C PRO A 129 22.63 -6.46 -4.01
N LYS A 130 22.45 -6.00 -5.24
CA LYS A 130 21.18 -6.15 -5.98
C LYS A 130 20.84 -7.62 -6.26
N GLU A 131 21.85 -8.47 -6.17
CA GLU A 131 21.70 -9.92 -6.32
C GLU A 131 20.81 -10.51 -5.22
N ILE A 132 20.85 -9.90 -4.05
CA ILE A 132 20.00 -10.30 -2.93
C ILE A 132 18.68 -9.54 -2.97
N PRO A 133 17.55 -10.26 -3.13
CA PRO A 133 16.24 -9.62 -3.16
C PRO A 133 15.55 -9.54 -1.81
N ARG A 134 15.86 -10.50 -0.92
CA ARG A 134 15.21 -10.61 0.39
C ARG A 134 16.21 -11.05 1.46
N ILE A 135 16.08 -10.49 2.66
CA ILE A 135 16.90 -10.87 3.80
C ILE A 135 16.09 -10.78 5.11
N ILE A 136 16.42 -11.65 6.07
CA ILE A 136 15.80 -11.60 7.40
C ILE A 136 16.85 -11.27 8.45
N GLN A 137 16.88 -10.01 8.88
CA GLN A 137 17.76 -9.57 9.96
C GLN A 137 17.23 -10.08 11.30
N LEU A 138 18.12 -10.67 12.09
CA LEU A 138 17.73 -11.32 13.33
C LEU A 138 18.62 -10.96 14.51
N ASP A 139 18.01 -10.86 15.69
CA ASP A 139 18.73 -10.68 16.94
C ASP A 139 19.41 -11.97 17.37
N LEU A 140 20.30 -11.87 18.36
CA LEU A 140 21.02 -13.05 18.87
C LEU A 140 20.57 -13.46 20.27
N ASP A 141 19.62 -12.72 20.83
CA ASP A 141 18.98 -13.13 22.09
C ASP A 141 17.67 -13.85 21.80
N LEU A 142 17.64 -14.54 20.66
CA LEU A 142 16.47 -15.29 20.23
C LEU A 142 16.61 -16.78 20.54
N LYS A 143 15.48 -17.48 20.55
CA LYS A 143 15.47 -18.94 20.58
C LYS A 143 14.46 -19.45 19.56
N TYR A 144 14.94 -20.24 18.61
CA TYR A 144 14.11 -20.73 17.51
C TYR A 144 13.41 -22.03 17.88
N LYS A 145 12.08 -22.01 17.80
CA LYS A 145 11.25 -23.15 18.16
C LYS A 145 10.77 -23.94 16.94
N THR A 146 11.02 -23.40 15.75
CA THR A 146 10.64 -24.05 14.48
C THR A 146 11.73 -23.94 13.42
N ASN A 147 11.45 -24.48 12.24
CA ASN A 147 12.32 -24.35 11.07
C ASN A 147 12.25 -22.93 10.52
N ILE A 148 13.41 -22.34 10.26
CA ILE A 148 13.50 -20.95 9.79
C ILE A 148 12.98 -20.77 8.36
N ARG A 149 12.93 -21.86 7.59
CA ARG A 149 12.40 -21.83 6.23
C ARG A 149 10.91 -21.45 6.22
N GLU A 150 10.21 -21.77 7.31
CA GLU A 150 8.81 -21.44 7.48
C GLU A 150 8.57 -19.93 7.54
N LEU A 151 9.49 -19.22 8.19
CA LEU A 151 9.40 -17.76 8.31
C LEU A 151 9.49 -17.06 6.95
N PHE A 152 10.31 -17.61 6.06
CA PHE A 152 10.45 -17.08 4.70
C PHE A 152 9.14 -17.10 3.93
N GLU A 153 8.23 -18.00 4.32
CA GLU A 153 6.92 -18.11 3.70
C GLU A 153 6.05 -16.88 3.98
N GLU A 154 6.42 -16.11 5.00
CA GLU A 154 5.71 -14.87 5.33
C GLU A 154 5.94 -13.76 4.31
N PHE A 155 7.02 -13.87 3.54
CA PHE A 155 7.29 -12.95 2.44
C PHE A 155 6.18 -12.98 1.39
N ASP A 156 5.60 -14.15 1.17
CA ASP A 156 4.49 -14.34 0.23
C ASP A 156 3.21 -13.66 0.69
N ASN A 157 3.07 -13.50 2.01
CA ASN A 157 1.89 -12.87 2.59
C ASN A 157 1.93 -11.34 2.57
N PHE A 158 3.07 -10.78 2.13
CA PHE A 158 3.21 -9.33 1.90
C PHE A 158 2.15 -8.88 0.91
N LEU A 159 1.57 -7.71 1.18
CA LEU A 159 0.77 -7.03 0.17
C LEU A 159 1.75 -6.38 -0.80
N PRO A 160 1.31 -6.11 -2.05
CA PRO A 160 2.17 -5.28 -2.88
C PRO A 160 2.23 -3.88 -2.30
N GLY A 161 3.42 -3.28 -2.27
CA GLY A 161 3.60 -2.00 -1.60
C GLY A 161 3.84 -2.14 -0.11
N ALA A 162 4.09 -3.38 0.33
CA ALA A 162 4.57 -3.63 1.69
C ALA A 162 6.04 -4.04 1.58
N VAL A 163 6.90 -3.37 2.34
CA VAL A 163 8.34 -3.52 2.20
C VAL A 163 9.00 -4.33 3.33
N ILE A 164 8.49 -4.18 4.55
CA ILE A 164 9.09 -4.78 5.73
C ILE A 164 8.11 -5.72 6.44
N GLY A 165 8.61 -6.90 6.81
CA GLY A 165 7.89 -7.80 7.72
C GLY A 165 8.44 -7.58 9.11
N ILE A 166 7.55 -7.27 10.05
CA ILE A 166 7.96 -6.88 11.41
C ILE A 166 6.89 -7.20 12.44
N ALA A 167 7.33 -7.72 13.59
CA ALA A 167 6.43 -8.02 14.70
C ALA A 167 6.21 -6.77 15.57
N ARG A 168 5.02 -6.66 16.15
CA ARG A 168 4.67 -5.51 16.97
C ARG A 168 5.30 -5.57 18.37
N GLU A 169 5.55 -4.39 18.93
CA GLU A 169 6.24 -4.24 20.21
C GLU A 169 5.34 -4.66 21.38
N MET A 170 5.88 -5.52 22.25
CA MET A 170 5.11 -6.14 23.32
C MET A 170 5.34 -5.50 24.69
N GLN A 171 5.79 -4.25 24.67
CA GLN A 171 5.90 -3.42 25.86
C GLN A 171 5.35 -2.03 25.55
N PRO A 172 4.80 -1.33 26.56
CA PRO A 172 4.21 -0.02 26.30
C PRO A 172 5.24 1.09 26.14
N VAL A 173 6.41 0.78 25.60
CA VAL A 173 7.49 1.75 25.39
C VAL A 173 7.01 2.97 24.62
N TYR A 174 6.22 2.72 23.57
CA TYR A 174 5.77 3.78 22.68
C TYR A 174 4.58 4.59 23.19
N ARG A 175 4.12 4.26 24.39
CA ARG A 175 3.27 5.17 25.16
C ARG A 175 4.13 6.31 25.65
N HIS A 176 5.25 5.96 26.28
CA HIS A 176 6.18 6.92 26.87
C HIS A 176 6.88 7.76 25.83
N THR A 177 7.24 7.15 24.71
CA THR A 177 7.97 7.84 23.64
C THR A 177 7.08 8.85 22.92
N PHE A 178 5.86 8.44 22.58
CA PHE A 178 4.91 9.29 21.87
C PHE A 178 4.02 10.13 22.80
N TRP A 179 4.41 10.24 24.07
CA TRP A 179 3.59 10.90 25.08
C TRP A 179 3.00 12.21 24.66
N GLN A 180 3.83 13.10 24.10
CA GLN A 180 3.38 14.44 23.73
C GLN A 180 2.35 14.43 22.59
N PHE A 181 2.47 13.48 21.67
CA PHE A 181 1.51 13.35 20.59
C PHE A 181 0.15 12.84 21.09
N ARG A 182 0.19 11.89 22.03
CA ARG A 182 -1.01 11.31 22.62
C ARG A 182 -1.70 12.32 23.54
N HIS A 183 -0.90 13.15 24.18
CA HIS A 183 -1.36 14.27 25.01
C HIS A 183 -2.15 15.26 24.17
N GLU A 184 -1.75 15.41 22.91
CA GLU A 184 -2.37 16.37 21.99
C GLU A 184 -3.46 15.74 21.12
N ASN A 185 -3.38 14.43 20.93
CA ASN A 185 -4.40 13.69 20.20
C ASN A 185 -4.94 12.56 21.08
N PRO A 186 -6.02 12.85 21.84
CA PRO A 186 -6.56 11.90 22.83
C PRO A 186 -7.30 10.72 22.20
N LYS A 187 -7.66 10.85 20.93
CA LYS A 187 -8.39 9.80 20.21
C LYS A 187 -7.44 8.88 19.45
N THR A 188 -6.17 9.27 19.37
CA THR A 188 -5.18 8.55 18.55
C THR A 188 -4.98 7.09 18.96
N ARG A 189 -4.51 6.29 18.01
CA ARG A 189 -4.17 4.89 18.26
C ARG A 189 -2.67 4.72 18.36
N VAL A 190 -1.93 5.81 18.13
CA VAL A 190 -0.48 5.81 18.24
C VAL A 190 -0.06 5.53 19.68
N GLY A 191 0.55 4.37 19.89
CA GLY A 191 0.99 3.96 21.22
C GLY A 191 0.01 3.08 21.97
N ASP A 192 -1.18 2.91 21.39
CA ASP A 192 -2.24 2.06 21.98
C ASP A 192 -1.93 0.56 21.83
N PRO A 193 -2.49 -0.28 22.71
CA PRO A 193 -2.26 -1.73 22.61
C PRO A 193 -3.04 -2.39 21.47
N PRO A 194 -2.59 -3.57 21.01
CA PRO A 194 -3.31 -4.31 19.96
C PRO A 194 -4.60 -4.93 20.49
N PRO A 195 -5.53 -5.33 19.59
CA PRO A 195 -5.42 -5.28 18.13
C PRO A 195 -5.89 -3.97 17.50
N GLU A 196 -6.65 -3.19 18.26
CA GLU A 196 -7.23 -1.94 17.78
C GLU A 196 -6.21 -0.81 17.62
N GLY A 197 -5.17 -0.83 18.43
CA GLY A 197 -4.16 0.23 18.41
C GLY A 197 -2.83 -0.15 17.78
N LEU A 198 -1.94 0.84 17.67
CA LEU A 198 -0.61 0.63 17.10
C LEU A 198 0.46 0.76 18.18
N PRO A 199 0.92 -0.38 18.73
CA PRO A 199 1.89 -0.37 19.84
C PRO A 199 3.32 -0.09 19.39
N GLY A 200 3.55 -0.08 18.08
CA GLY A 200 4.89 0.08 17.53
C GLY A 200 5.52 -1.26 17.22
N PHE A 201 6.75 -1.23 16.72
CA PHE A 201 7.41 -2.45 16.25
C PHE A 201 8.62 -2.85 17.08
N ASN A 202 8.96 -4.12 17.02
CA ASN A 202 10.19 -4.65 17.60
C ASN A 202 11.12 -5.09 16.48
N SER A 203 12.40 -4.76 16.63
CA SER A 203 13.38 -4.99 15.56
C SER A 203 14.11 -6.34 15.64
N GLY A 204 13.74 -7.16 16.62
CA GLY A 204 14.37 -8.48 16.81
C GLY A 204 14.31 -9.39 15.60
N VAL A 205 13.14 -9.44 14.96
CA VAL A 205 12.91 -10.26 13.76
C VAL A 205 12.31 -9.39 12.66
N MET A 206 13.13 -9.11 11.64
CA MET A 206 12.74 -8.19 10.57
C MET A 206 12.90 -8.83 9.19
N LEU A 207 11.79 -8.94 8.47
CA LEU A 207 11.79 -9.46 7.10
C LEU A 207 11.90 -8.32 6.12
N LEU A 208 13.11 -8.10 5.62
CA LEU A 208 13.38 -6.98 4.73
C LEU A 208 13.32 -7.44 3.28
N ASN A 209 12.32 -6.92 2.56
CA ASN A 209 12.20 -7.16 1.13
C ASN A 209 12.93 -6.08 0.36
N LEU A 210 14.24 -6.28 0.18
CA LEU A 210 15.13 -5.32 -0.48
C LEU A 210 14.62 -4.93 -1.86
N GLU A 211 14.06 -5.90 -2.57
CA GLU A 211 13.46 -5.68 -3.88
C GLU A 211 12.32 -4.67 -3.80
N ALA A 212 11.45 -4.85 -2.81
CA ALA A 212 10.33 -3.94 -2.58
C ALA A 212 10.82 -2.59 -2.07
N MET A 213 11.89 -2.61 -1.27
CA MET A 213 12.48 -1.40 -0.71
C MET A 213 13.11 -0.51 -1.79
N ARG A 214 13.79 -1.13 -2.75
CA ARG A 214 14.40 -0.42 -3.87
C ARG A 214 13.35 0.21 -4.79
N GLN A 215 12.19 -0.44 -4.87
CA GLN A 215 11.15 -0.07 -5.84
C GLN A 215 10.07 0.85 -5.29
N SER A 216 9.84 0.81 -3.97
CA SER A 216 8.83 1.65 -3.33
C SER A 216 9.27 3.13 -3.31
N PRO A 217 8.54 4.00 -4.05
CA PRO A 217 8.84 5.42 -4.08
C PRO A 217 8.63 6.08 -2.72
N LEU A 218 7.57 5.66 -2.02
CA LEU A 218 7.25 6.17 -0.69
C LEU A 218 8.38 5.90 0.30
N TYR A 219 8.92 4.67 0.28
CA TYR A 219 10.03 4.31 1.17
C TYR A 219 11.32 5.05 0.80
N SER A 220 11.52 5.26 -0.51
CA SER A 220 12.68 6.00 -1.01
C SER A 220 12.66 7.43 -0.53
N HIS A 221 11.46 7.99 -0.38
CA HIS A 221 11.26 9.36 0.06
C HIS A 221 11.26 9.51 1.57
N LEU A 222 10.78 8.48 2.27
CA LEU A 222 10.74 8.49 3.75
C LEU A 222 12.14 8.41 4.36
N LEU A 223 13.14 8.12 3.54
CA LEU A 223 14.54 8.05 3.97
C LEU A 223 15.24 9.39 3.88
N GLU A 224 14.59 10.37 3.25
CA GLU A 224 15.17 11.69 3.04
C GLU A 224 15.02 12.60 4.26
N PRO A 225 16.03 13.45 4.53
CA PRO A 225 16.11 14.30 5.72
C PRO A 225 14.87 15.14 5.98
N SER A 226 14.41 15.86 4.97
CA SER A 226 13.26 16.76 5.10
C SER A 226 11.96 16.02 5.45
N TRP A 227 11.82 14.80 4.92
CA TRP A 227 10.68 13.94 5.23
C TRP A 227 10.75 13.44 6.64
N VAL A 228 11.93 12.95 7.03
CA VAL A 228 12.17 12.46 8.40
C VAL A 228 11.87 13.58 9.40
N GLN A 229 12.47 14.75 9.18
CA GLN A 229 12.25 15.93 10.00
C GLN A 229 10.76 16.24 10.14
N GLN A 230 10.07 16.34 9.01
CA GLN A 230 8.63 16.60 8.96
C GLN A 230 7.84 15.64 9.85
N LEU A 231 8.13 14.34 9.73
CA LEU A 231 7.38 13.31 10.46
C LEU A 231 7.74 13.22 11.94
N ALA A 232 9.02 13.34 12.25
CA ALA A 232 9.48 13.37 13.64
C ALA A 232 8.85 14.54 14.39
N ASP A 233 8.81 15.70 13.74
CA ASP A 233 8.21 16.90 14.31
C ASP A 233 6.70 16.77 14.52
N LYS A 234 6.03 16.04 13.62
CA LYS A 234 4.59 15.81 13.74
C LYS A 234 4.27 14.99 14.99
N TYR A 235 5.12 14.01 15.28
CA TYR A 235 4.93 13.12 16.43
C TYR A 235 5.70 13.56 17.66
N HIS A 236 6.42 14.68 17.55
CA HIS A 236 7.33 15.16 18.60
C HIS A 236 8.27 14.06 19.00
N PHE A 237 8.85 13.40 17.99
CA PHE A 237 9.64 12.20 18.21
C PHE A 237 11.12 12.50 18.44
N ARG A 238 11.58 12.12 19.63
CA ARG A 238 13.01 12.01 19.91
C ARG A 238 13.22 10.73 20.70
N GLY A 239 13.74 9.71 20.02
CA GLY A 239 13.89 8.39 20.61
C GLY A 239 15.31 7.95 20.81
N HIS A 240 15.47 6.70 21.22
CA HIS A 240 16.78 6.12 21.51
C HIS A 240 16.93 4.71 20.98
N LEU A 241 15.85 4.18 20.39
CA LEU A 241 15.82 2.80 19.92
C LEU A 241 16.35 2.57 18.50
N GLY A 242 16.84 3.64 17.86
CA GLY A 242 17.52 3.54 16.57
C GLY A 242 16.63 3.19 15.39
N ASP A 243 17.00 2.14 14.66
CA ASP A 243 16.26 1.70 13.48
C ASP A 243 14.82 1.29 13.80
N GLN A 244 14.64 0.70 14.98
CA GLN A 244 13.32 0.30 15.46
C GLN A 244 12.40 1.51 15.61
N ASP A 245 12.97 2.65 16.03
CA ASP A 245 12.23 3.90 16.16
C ASP A 245 11.77 4.45 14.82
N PHE A 246 12.63 4.32 13.80
CA PHE A 246 12.29 4.79 12.45
C PHE A 246 11.09 4.03 11.90
N PHE A 247 11.20 2.70 11.85
CA PHE A 247 10.10 1.85 11.37
C PHE A 247 8.81 2.10 12.12
N THR A 248 8.89 2.19 13.45
CA THR A 248 7.72 2.42 14.31
C THR A 248 7.01 3.72 13.94
N MET A 249 7.77 4.81 13.82
CA MET A 249 7.22 6.12 13.47
C MET A 249 6.63 6.10 12.06
N ILE A 250 7.36 5.49 11.12
CA ILE A 250 6.89 5.30 9.75
C ILE A 250 5.60 4.47 9.74
N GLY A 251 5.53 3.49 10.64
CA GLY A 251 4.35 2.63 10.79
C GLY A 251 3.09 3.35 11.21
N MET A 252 3.25 4.49 11.88
CA MET A 252 2.12 5.31 12.33
C MET A 252 1.48 6.06 11.15
N GLU A 253 2.32 6.60 10.27
CA GLU A 253 1.84 7.32 9.10
C GLU A 253 1.37 6.40 8.00
N HIS A 254 2.21 5.43 7.65
CA HIS A 254 1.92 4.50 6.56
C HIS A 254 2.07 3.08 7.03
N PRO A 255 1.03 2.54 7.70
CA PRO A 255 1.09 1.17 8.21
C PRO A 255 1.10 0.11 7.11
N GLU A 256 0.69 0.50 5.91
CA GLU A 256 0.60 -0.42 4.78
C GLU A 256 1.95 -0.79 4.16
N LEU A 257 3.00 -0.08 4.57
CA LEU A 257 4.36 -0.44 4.18
C LEU A 257 4.84 -1.66 4.96
N PHE A 258 4.12 -2.01 6.02
CA PHE A 258 4.52 -3.08 6.93
C PHE A 258 3.55 -4.24 6.94
N HIS A 259 4.11 -5.45 6.83
CA HIS A 259 3.37 -6.68 7.01
C HIS A 259 3.58 -7.14 8.42
N VAL A 260 2.55 -6.96 9.26
CA VAL A 260 2.67 -7.27 10.68
C VAL A 260 2.68 -8.77 10.92
N LEU A 261 3.82 -9.28 11.36
CA LEU A 261 3.99 -10.69 11.70
C LEU A 261 3.22 -11.01 12.97
N ASP A 262 2.66 -12.21 13.01
CA ASP A 262 2.01 -12.71 14.23
C ASP A 262 3.02 -12.72 15.38
N CYS A 263 2.55 -12.40 16.58
CA CYS A 263 3.38 -12.26 17.77
C CYS A 263 4.21 -13.51 18.09
N THR A 264 3.71 -14.67 17.69
CA THR A 264 4.40 -15.95 17.92
C THR A 264 5.72 -16.08 17.16
N TRP A 265 5.93 -15.21 16.17
CA TRP A 265 7.19 -15.17 15.43
C TRP A 265 8.27 -14.39 16.14
N ASN A 266 7.91 -13.75 17.24
CA ASN A 266 8.83 -12.95 18.01
C ASN A 266 8.09 -12.64 19.29
N ARG A 267 8.20 -13.48 20.30
CA ARG A 267 7.52 -13.25 21.55
C ARG A 267 8.53 -12.65 22.50
N GLN A 268 8.59 -11.36 22.62
CA GLN A 268 9.52 -10.76 23.55
C GLN A 268 9.15 -11.12 24.95
N LEU A 269 10.16 -11.30 25.79
CA LEU A 269 9.97 -11.77 27.16
C LEU A 269 10.21 -10.71 28.23
N CYS A 270 10.72 -9.55 27.80
CA CYS A 270 11.02 -8.43 28.70
C CYS A 270 9.77 -7.94 29.44
N THR A 271 9.88 -7.86 30.76
CA THR A 271 8.79 -7.39 31.60
C THR A 271 9.18 -6.17 32.44
N TRP A 272 10.21 -5.45 32.00
CA TRP A 272 10.73 -4.30 32.72
C TRP A 272 9.67 -3.26 33.01
N TRP A 273 8.90 -2.91 31.99
CA TRP A 273 7.87 -1.87 32.11
C TRP A 273 6.71 -2.27 32.97
N ARG A 274 6.54 -3.58 33.21
CA ARG A 274 5.49 -4.07 34.10
C ARG A 274 5.76 -3.63 35.54
N ASP A 275 7.04 -3.45 35.85
CA ASP A 275 7.46 -3.13 37.21
C ASP A 275 8.01 -1.71 37.34
N HIS A 276 7.86 -0.91 36.28
CA HIS A 276 8.38 0.46 36.28
C HIS A 276 7.45 1.47 35.64
N GLY A 277 6.16 1.33 35.92
CA GLY A 277 5.19 2.37 35.54
C GLY A 277 3.92 1.94 34.82
N TYR A 278 3.96 0.81 34.14
CA TYR A 278 2.84 0.39 33.30
C TYR A 278 2.13 -0.90 33.75
N SER A 279 2.16 -1.17 35.05
CA SER A 279 1.56 -2.37 35.64
C SER A 279 0.14 -2.68 35.14
N ASP A 280 -0.65 -1.62 34.94
CA ASP A 280 -2.06 -1.74 34.57
C ASP A 280 -2.29 -2.16 33.12
N VAL A 281 -1.61 -1.49 32.19
CA VAL A 281 -1.83 -1.69 30.76
C VAL A 281 -0.90 -2.74 30.15
N PHE A 282 0.10 -3.15 30.93
CA PHE A 282 1.19 -4.01 30.44
C PHE A 282 0.72 -5.27 29.71
N GLN A 283 -0.27 -5.95 30.28
CA GLN A 283 -0.77 -7.21 29.73
C GLN A 283 -1.29 -7.06 28.31
N ALA A 284 -2.04 -5.99 28.06
CA ALA A 284 -2.62 -5.72 26.74
C ALA A 284 -1.56 -5.60 25.64
N TYR A 285 -0.33 -5.30 26.04
CA TYR A 285 0.81 -5.21 25.12
C TYR A 285 1.58 -6.53 25.08
N PHE A 286 1.78 -7.11 26.25
CA PHE A 286 2.60 -8.31 26.42
C PHE A 286 1.88 -9.59 25.97
N ARG A 287 0.55 -9.57 25.99
CA ARG A 287 -0.27 -10.73 25.61
C ARG A 287 0.07 -11.26 24.21
N CYS A 288 0.25 -12.59 24.13
CA CYS A 288 0.45 -13.29 22.87
C CYS A 288 0.01 -14.74 23.01
N GLU A 289 -1.20 -15.04 22.56
CA GLU A 289 -1.74 -16.40 22.60
C GLU A 289 -1.29 -17.21 21.41
N GLY A 290 -1.01 -18.49 21.64
CA GLY A 290 -0.61 -19.41 20.58
C GLY A 290 0.72 -20.09 20.78
N HIS A 291 1.02 -21.06 19.91
CA HIS A 291 2.29 -21.79 19.94
C HIS A 291 3.40 -20.92 19.41
N VAL A 292 4.40 -20.70 20.26
CA VAL A 292 5.54 -19.82 19.94
C VAL A 292 6.47 -20.46 18.91
N LYS A 293 6.87 -19.67 17.91
CA LYS A 293 7.82 -20.10 16.90
C LYS A 293 9.23 -19.57 17.16
N ILE A 294 9.32 -18.33 17.64
CA ILE A 294 10.59 -17.72 18.04
C ILE A 294 10.42 -16.93 19.35
N TYR A 295 11.28 -17.24 20.32
CA TYR A 295 11.36 -16.47 21.56
C TYR A 295 12.39 -15.36 21.45
N HIS A 296 12.09 -14.22 22.08
CA HIS A 296 13.02 -13.10 22.14
C HIS A 296 13.28 -12.74 23.57
N GLY A 297 14.46 -13.09 24.05
CA GLY A 297 14.85 -12.80 25.43
C GLY A 297 15.47 -11.43 25.58
N ASN A 298 14.74 -10.40 25.11
CA ASN A 298 15.22 -9.02 25.18
C ASN A 298 15.34 -8.50 26.61
N CYS A 299 16.18 -7.47 26.78
CA CYS A 299 16.56 -6.93 28.09
C CYS A 299 17.05 -8.03 29.07
N ASN A 300 17.83 -8.97 28.52
CA ASN A 300 18.47 -10.05 29.28
C ASN A 300 17.51 -11.02 29.99
N THR A 301 16.29 -11.13 29.49
CA THR A 301 15.30 -12.02 30.08
C THR A 301 15.56 -13.47 29.69
N PRO A 302 15.73 -14.36 30.69
CA PRO A 302 15.99 -15.79 30.46
C PRO A 302 14.81 -16.50 29.79
N ILE A 303 15.12 -17.56 29.04
CA ILE A 303 14.12 -18.29 28.29
C ILE A 303 13.84 -19.65 28.94
N VAL B 10 -27.99 22.51 0.66
CA VAL B 10 -27.53 21.11 0.46
C VAL B 10 -27.51 20.75 -1.02
N ASP B 11 -26.32 20.42 -1.53
CA ASP B 11 -26.14 20.07 -2.95
C ASP B 11 -25.38 18.76 -3.17
N TYR B 12 -25.79 18.02 -4.20
CA TYR B 12 -25.11 16.80 -4.59
C TYR B 12 -24.60 16.91 -6.03
N HIS B 13 -23.43 16.33 -6.29
CA HIS B 13 -22.77 16.49 -7.59
C HIS B 13 -22.50 15.19 -8.31
N LEU B 14 -22.86 15.17 -9.60
CA LEU B 14 -22.54 14.07 -10.49
C LEU B 14 -21.95 14.62 -11.78
N LEU B 15 -20.81 14.08 -12.20
CA LEU B 15 -20.21 14.45 -13.48
C LEU B 15 -20.31 13.30 -14.48
N MET B 16 -20.58 13.66 -15.73
CA MET B 16 -20.63 12.69 -16.82
C MET B 16 -19.84 13.17 -18.03
N MET B 17 -19.35 12.21 -18.81
CA MET B 17 -18.63 12.50 -20.04
C MET B 17 -19.58 12.53 -21.23
N PHE B 18 -19.46 13.56 -22.07
CA PHE B 18 -20.32 13.69 -23.24
C PHE B 18 -19.60 14.32 -24.43
N THR B 19 -18.52 13.67 -24.87
CA THR B 19 -17.71 14.17 -25.97
C THR B 19 -18.13 13.56 -27.31
N LYS B 20 -18.18 14.40 -28.35
CA LYS B 20 -18.43 13.97 -29.73
C LYS B 20 -19.63 13.03 -29.86
N ALA B 21 -20.82 13.56 -29.63
CA ALA B 21 -22.05 12.77 -29.65
C ALA B 21 -22.88 12.97 -30.92
N GLU B 22 -22.69 14.13 -31.56
CA GLU B 22 -23.43 14.47 -32.77
C GLU B 22 -23.12 13.48 -33.90
N HIS B 23 -24.18 13.04 -34.59
CA HIS B 23 -24.10 12.02 -35.64
C HIS B 23 -23.59 10.69 -35.14
N ASN B 24 -23.89 10.38 -33.88
CA ASN B 24 -23.53 9.10 -33.28
C ASN B 24 -24.67 8.53 -32.46
N ALA B 25 -25.23 7.42 -32.94
CA ALA B 25 -26.41 6.80 -32.34
C ALA B 25 -26.14 5.98 -31.07
N PRO B 26 -25.10 5.12 -31.07
CA PRO B 26 -24.87 4.24 -29.91
C PRO B 26 -24.59 4.99 -28.60
N LEU B 27 -23.79 6.06 -28.67
CA LEU B 27 -23.45 6.84 -27.47
C LEU B 27 -24.67 7.53 -26.87
N GLN B 28 -25.56 8.01 -27.74
CA GLN B 28 -26.81 8.63 -27.32
C GLN B 28 -27.81 7.59 -26.83
N ALA B 29 -27.79 6.41 -27.44
CA ALA B 29 -28.64 5.29 -27.04
C ALA B 29 -28.28 4.81 -25.63
N LYS B 30 -26.98 4.82 -25.31
CA LYS B 30 -26.49 4.56 -23.97
C LYS B 30 -26.98 5.66 -23.02
N ALA B 31 -26.82 6.91 -23.47
CA ALA B 31 -27.20 8.09 -22.69
C ALA B 31 -28.70 8.15 -22.39
N ARG B 32 -29.51 7.58 -23.29
CA ARG B 32 -30.95 7.50 -23.09
C ARG B 32 -31.29 6.53 -21.96
N VAL B 33 -30.63 5.37 -21.97
CA VAL B 33 -30.82 4.35 -20.94
C VAL B 33 -30.27 4.83 -19.59
N ALA B 34 -29.21 5.65 -19.65
CA ALA B 34 -28.57 6.16 -18.44
C ALA B 34 -29.39 7.22 -17.72
N LEU B 35 -29.58 8.37 -18.38
CA LEU B 35 -30.24 9.52 -17.76
C LEU B 35 -31.69 9.28 -17.37
N SER B 36 -32.36 8.36 -18.06
CA SER B 36 -33.76 8.01 -17.76
C SER B 36 -33.87 7.16 -16.50
N SER B 37 -32.98 6.18 -16.35
CA SER B 37 -32.95 5.33 -15.16
C SER B 37 -32.52 6.11 -13.91
N LEU B 38 -31.65 7.10 -14.12
CA LEU B 38 -31.18 7.96 -13.05
C LEU B 38 -32.31 8.81 -12.46
N LEU B 39 -33.06 9.47 -13.35
CA LEU B 39 -34.07 10.46 -12.94
C LEU B 39 -35.41 9.86 -12.51
N ARG B 40 -35.80 8.74 -13.12
CA ARG B 40 -37.07 8.09 -12.79
C ARG B 40 -37.04 7.38 -11.43
N LEU B 41 -35.85 7.25 -10.85
CA LEU B 41 -35.67 6.59 -9.56
C LEU B 41 -35.08 7.52 -8.50
N ALA B 42 -34.76 8.75 -8.90
CA ALA B 42 -34.16 9.73 -7.99
C ALA B 42 -35.20 10.42 -7.11
N LYS B 43 -35.00 10.30 -5.80
CA LYS B 43 -35.80 11.05 -4.82
C LYS B 43 -34.91 11.91 -3.94
N PHE B 44 -35.30 13.18 -3.78
CA PHE B 44 -34.54 14.12 -2.96
C PHE B 44 -35.45 15.07 -2.20
N GLU B 45 -35.04 15.40 -0.98
CA GLU B 45 -35.78 16.34 -0.15
C GLU B 45 -35.66 17.75 -0.72
N ALA B 46 -36.70 18.57 -0.49
CA ALA B 46 -36.85 19.88 -1.13
C ALA B 46 -35.60 20.79 -1.09
N HIS B 47 -34.86 20.73 0.01
CA HIS B 47 -33.67 21.57 0.20
C HIS B 47 -32.48 21.09 -0.60
N GLU B 48 -32.48 19.81 -0.95
CA GLU B 48 -31.38 19.20 -1.72
C GLU B 48 -31.49 19.52 -3.20
N VAL B 49 -30.33 19.73 -3.83
CA VAL B 49 -30.26 19.98 -5.27
C VAL B 49 -29.23 19.08 -5.95
N LEU B 50 -29.69 18.29 -6.92
CA LEU B 50 -28.84 17.34 -7.63
C LEU B 50 -28.20 18.00 -8.86
N ASN B 51 -26.91 18.33 -8.74
CA ASN B 51 -26.20 19.05 -9.79
C ASN B 51 -25.55 18.14 -10.83
N LEU B 52 -26.18 18.05 -12.00
CA LEU B 52 -25.66 17.25 -13.10
C LEU B 52 -24.61 18.03 -13.88
N HIS B 53 -23.39 17.51 -13.91
CA HIS B 53 -22.28 18.10 -14.65
C HIS B 53 -22.02 17.33 -15.90
N PHE B 54 -21.68 18.05 -16.97
CA PHE B 54 -21.37 17.45 -18.26
C PHE B 54 -20.15 18.10 -18.90
N VAL B 55 -19.23 17.27 -19.37
CA VAL B 55 -18.06 17.74 -20.10
C VAL B 55 -18.29 17.48 -21.59
N SER B 56 -18.38 18.56 -22.36
CA SER B 56 -18.68 18.50 -23.78
C SER B 56 -18.25 19.76 -24.51
N GLU B 57 -17.93 19.61 -25.80
CA GLU B 57 -17.68 20.75 -26.67
C GLU B 57 -19.01 21.29 -27.18
N GLU B 58 -18.98 22.49 -27.77
CA GLU B 58 -20.18 23.22 -28.20
C GLU B 58 -21.20 22.37 -28.97
N ALA B 59 -20.71 21.49 -29.84
CA ALA B 59 -21.55 20.62 -30.66
C ALA B 59 -22.38 19.65 -29.83
N SER B 60 -21.78 19.10 -28.77
CA SER B 60 -22.46 18.15 -27.89
C SER B 60 -23.34 18.83 -26.85
N ARG B 61 -22.94 20.04 -26.44
CA ARG B 61 -23.71 20.85 -25.49
C ARG B 61 -25.16 21.03 -25.96
N GLU B 62 -25.35 21.14 -27.26
CA GLU B 62 -26.67 21.31 -27.87
C GLU B 62 -27.54 20.07 -27.73
N VAL B 63 -27.00 18.92 -28.09
CA VAL B 63 -27.74 17.64 -28.08
C VAL B 63 -28.01 17.13 -26.65
N ALA B 64 -27.14 17.50 -25.71
CA ALA B 64 -27.33 17.18 -24.30
C ALA B 64 -28.55 17.91 -23.75
N LYS B 65 -28.61 19.22 -24.01
CA LYS B 65 -29.75 20.07 -23.61
C LYS B 65 -31.07 19.53 -24.14
N ALA B 66 -31.05 19.02 -25.37
CA ALA B 66 -32.24 18.45 -26.01
C ALA B 66 -32.72 17.18 -25.33
N LEU B 67 -31.79 16.36 -24.85
CA LEU B 67 -32.12 15.13 -24.13
C LEU B 67 -32.44 15.40 -22.66
N LEU B 68 -32.01 16.56 -22.17
CA LEU B 68 -32.30 17.00 -20.80
C LEU B 68 -33.66 17.70 -20.72
N ARG B 69 -34.00 18.44 -21.79
CA ARG B 69 -35.29 19.13 -21.89
C ARG B 69 -36.46 18.15 -21.84
N GLU B 70 -36.21 16.93 -22.32
CA GLU B 70 -37.21 15.87 -22.35
C GLU B 70 -37.49 15.27 -20.97
N LEU B 71 -36.55 15.43 -20.04
CA LEU B 71 -36.63 14.78 -18.73
C LEU B 71 -36.59 15.75 -17.55
N LEU B 72 -37.69 15.80 -16.80
CA LEU B 72 -37.80 16.63 -15.60
C LEU B 72 -38.71 15.96 -14.57
N PHE B 78 -37.90 17.94 -6.47
CA PHE B 78 -36.57 18.44 -6.16
C PHE B 78 -35.99 19.28 -7.29
N LYS B 79 -35.03 20.14 -6.96
CA LYS B 79 -34.36 20.98 -7.94
C LYS B 79 -33.10 20.31 -8.48
N CYS B 80 -32.70 20.68 -9.69
CA CYS B 80 -31.45 20.21 -10.29
C CYS B 80 -30.85 21.24 -11.25
N LYS B 81 -29.58 21.56 -11.06
CA LYS B 81 -28.88 22.55 -11.88
C LYS B 81 -27.88 21.90 -12.84
N VAL B 82 -28.22 21.93 -14.13
CA VAL B 82 -27.35 21.39 -15.18
C VAL B 82 -26.21 22.36 -15.47
N ILE B 83 -24.98 21.89 -15.23
CA ILE B 83 -23.78 22.70 -15.46
C ILE B 83 -22.93 22.07 -16.56
N PHE B 84 -22.58 22.88 -17.57
CA PHE B 84 -21.75 22.41 -18.67
C PHE B 84 -20.30 22.89 -18.55
N HIS B 85 -19.40 22.02 -18.99
CA HIS B 85 -17.97 22.33 -19.01
C HIS B 85 -17.42 22.06 -20.37
N ASP B 86 -16.72 23.06 -20.92
CA ASP B 86 -16.12 22.94 -22.25
C ASP B 86 -14.91 22.00 -22.20
N VAL B 87 -14.85 21.09 -23.17
CA VAL B 87 -13.76 20.12 -23.26
C VAL B 87 -12.41 20.82 -23.39
N ALA B 88 -12.33 21.77 -24.33
CA ALA B 88 -11.09 22.46 -24.67
C ALA B 88 -10.41 23.16 -23.50
N VAL B 89 -11.20 23.81 -22.64
CA VAL B 89 -10.66 24.55 -21.50
C VAL B 89 -10.13 23.64 -20.39
N LEU B 90 -10.82 22.54 -20.14
CA LEU B 90 -10.40 21.55 -19.14
C LEU B 90 -9.17 20.79 -19.62
N THR B 91 -9.19 20.41 -20.90
CA THR B 91 -8.07 19.70 -21.52
C THR B 91 -6.80 20.56 -21.51
N ASP B 92 -6.98 21.87 -21.68
CA ASP B 92 -5.87 22.83 -21.60
C ASP B 92 -5.21 22.82 -20.23
N LYS B 93 -6.01 22.69 -19.18
CA LYS B 93 -5.52 22.61 -17.81
C LYS B 93 -5.01 21.22 -17.46
N LEU B 94 -5.67 20.20 -18.01
CA LEU B 94 -5.34 18.80 -17.72
C LEU B 94 -3.99 18.35 -18.28
N PHE B 95 -3.74 18.67 -19.55
CA PHE B 95 -2.56 18.16 -20.24
C PHE B 95 -1.24 18.30 -19.45
N PRO B 96 -0.91 19.51 -18.96
CA PRO B 96 0.37 19.67 -18.26
C PRO B 96 0.53 18.76 -17.03
N VAL B 97 -0.58 18.43 -16.38
CA VAL B 97 -0.58 17.57 -15.19
C VAL B 97 -0.27 16.12 -15.54
N VAL B 98 -1.07 15.54 -16.44
CA VAL B 98 -0.95 14.12 -16.80
C VAL B 98 0.02 13.88 -17.97
N GLU B 99 0.62 14.96 -18.48
CA GLU B 99 1.55 14.93 -19.62
C GLU B 99 2.52 13.76 -19.61
N ALA B 100 3.26 13.60 -18.51
CA ALA B 100 4.37 12.66 -18.43
C ALA B 100 3.99 11.25 -17.99
N MET B 101 2.71 11.02 -17.72
CA MET B 101 2.24 9.70 -17.28
C MET B 101 1.30 8.98 -18.25
N GLN B 102 0.88 9.67 -19.31
CA GLN B 102 -0.01 9.09 -20.33
C GLN B 102 0.66 7.93 -21.08
N LYS B 103 1.97 8.06 -21.27
CA LYS B 103 2.85 7.01 -21.78
C LYS B 103 2.49 5.59 -21.28
N TYR B 104 2.02 5.50 -20.05
CA TYR B 104 1.84 4.22 -19.36
C TYR B 104 0.40 3.69 -19.33
N PHE B 105 -0.58 4.55 -19.58
CA PHE B 105 -1.99 4.17 -19.41
C PHE B 105 -2.87 4.39 -20.64
N SER B 106 -2.33 5.09 -21.64
CA SER B 106 -3.11 5.46 -22.82
C SER B 106 -2.40 4.95 -24.07
N ALA B 107 -3.11 4.89 -25.19
CA ALA B 107 -2.51 4.44 -26.43
C ALA B 107 -2.63 5.44 -27.53
N GLY B 108 -1.55 5.72 -28.23
CA GLY B 108 -1.61 6.65 -29.34
C GLY B 108 -1.11 8.04 -29.11
N SER B 109 0.15 8.15 -28.79
CA SER B 109 0.79 9.40 -28.52
C SER B 109 0.35 10.56 -29.33
N GLY B 110 -0.04 10.32 -30.56
CA GLY B 110 -0.45 11.41 -31.43
C GLY B 110 -1.69 12.14 -30.94
N THR B 111 -2.43 11.50 -30.04
CA THR B 111 -3.64 12.07 -29.48
C THR B 111 -3.58 12.25 -27.96
N TYR B 112 -2.37 12.25 -27.39
CA TYR B 112 -2.19 12.40 -25.95
C TYR B 112 -2.76 13.71 -25.41
N TYR B 113 -2.60 14.79 -26.17
CA TYR B 113 -3.16 16.08 -25.76
C TYR B 113 -4.67 15.99 -25.60
N SER B 114 -5.36 15.65 -26.68
CA SER B 114 -6.82 15.59 -26.70
C SER B 114 -7.39 14.57 -25.71
N ASP B 115 -6.71 13.43 -25.61
CA ASP B 115 -7.16 12.34 -24.73
C ASP B 115 -6.67 12.52 -23.30
N SER B 116 -6.61 13.78 -22.85
CA SER B 116 -6.28 14.10 -21.47
C SER B 116 -7.53 13.99 -20.59
N ILE B 117 -8.69 14.26 -21.16
CA ILE B 117 -9.97 14.13 -20.46
C ILE B 117 -10.24 12.70 -19.98
N PHE B 118 -9.47 11.76 -20.53
CA PHE B 118 -9.43 10.38 -20.05
C PHE B 118 -8.99 10.35 -18.60
N PHE B 119 -8.12 11.28 -18.23
CA PHE B 119 -7.53 11.35 -16.89
C PHE B 119 -8.09 12.52 -16.07
N LEU B 120 -9.33 12.94 -16.37
CA LEU B 120 -9.97 14.03 -15.62
C LEU B 120 -10.21 13.66 -14.17
N SER B 121 -10.64 12.41 -13.94
CA SER B 121 -10.88 11.91 -12.59
C SER B 121 -9.63 11.99 -11.70
N VAL B 122 -8.47 11.78 -12.31
CA VAL B 122 -7.18 11.79 -11.61
C VAL B 122 -6.86 13.16 -11.00
N ALA B 123 -7.06 14.22 -11.78
CA ALA B 123 -6.79 15.59 -11.31
C ALA B 123 -8.07 16.41 -11.14
N MET B 124 -9.16 15.73 -10.80
CA MET B 124 -10.47 16.36 -10.63
C MET B 124 -10.48 17.44 -9.54
N HIS B 125 -9.69 17.22 -8.49
CA HIS B 125 -9.55 18.18 -7.40
C HIS B 125 -8.88 19.47 -7.84
N GLN B 126 -7.90 19.34 -8.73
CA GLN B 126 -7.16 20.50 -9.26
C GLN B 126 -7.96 21.28 -10.29
N ILE B 127 -9.08 20.71 -10.75
CA ILE B 127 -9.86 21.29 -11.84
C ILE B 127 -11.22 21.83 -11.36
N MET B 128 -11.92 21.05 -10.56
CA MET B 128 -13.17 21.51 -9.95
C MET B 128 -12.89 22.60 -8.91
N PRO B 129 -13.80 23.60 -8.81
CA PRO B 129 -13.59 24.71 -7.88
C PRO B 129 -13.61 24.25 -6.42
N LYS B 130 -12.89 24.99 -5.57
CA LYS B 130 -12.79 24.70 -4.13
C LYS B 130 -14.16 24.45 -3.48
N GLU B 131 -15.18 25.12 -4.00
CA GLU B 131 -16.54 25.08 -3.46
C GLU B 131 -17.17 23.69 -3.43
N ILE B 132 -16.80 22.84 -4.39
CA ILE B 132 -17.32 21.47 -4.46
C ILE B 132 -16.45 20.51 -3.65
N PRO B 133 -17.05 19.86 -2.63
CA PRO B 133 -16.32 18.93 -1.76
C PRO B 133 -16.29 17.48 -2.27
N ARG B 134 -17.38 17.02 -2.89
CA ARG B 134 -17.51 15.65 -3.36
C ARG B 134 -18.18 15.61 -4.73
N ILE B 135 -17.76 14.64 -5.55
CA ILE B 135 -18.39 14.39 -6.86
C ILE B 135 -18.33 12.91 -7.24
N ILE B 136 -19.37 12.43 -7.90
CA ILE B 136 -19.40 11.05 -8.40
C ILE B 136 -19.36 11.03 -9.92
N GLN B 137 -18.24 10.57 -10.48
CA GLN B 137 -18.10 10.45 -11.93
C GLN B 137 -18.78 9.17 -12.40
N LEU B 138 -19.61 9.30 -13.44
CA LEU B 138 -20.40 8.19 -13.94
C LEU B 138 -20.24 8.01 -15.44
N ASP B 139 -20.26 6.75 -15.88
CA ASP B 139 -20.28 6.40 -17.29
C ASP B 139 -21.67 6.63 -17.88
N LEU B 140 -21.80 6.48 -19.20
CA LEU B 140 -23.08 6.62 -19.88
C LEU B 140 -23.73 5.28 -20.23
N ASP B 141 -22.92 4.22 -20.26
CA ASP B 141 -23.43 2.87 -20.55
C ASP B 141 -23.93 2.17 -19.29
N LEU B 142 -24.38 2.97 -18.32
CA LEU B 142 -24.90 2.47 -17.05
C LEU B 142 -26.43 2.39 -17.08
N LYS B 143 -26.98 1.49 -16.27
CA LYS B 143 -28.41 1.50 -15.96
C LYS B 143 -28.61 1.44 -14.45
N TYR B 144 -29.25 2.49 -13.91
CA TYR B 144 -29.47 2.63 -12.48
C TYR B 144 -30.71 1.85 -12.06
N LYS B 145 -30.62 1.15 -10.93
CA LYS B 145 -31.76 0.36 -10.43
C LYS B 145 -32.16 0.70 -8.99
N THR B 146 -31.59 1.77 -8.45
CA THR B 146 -32.02 2.35 -7.17
C THR B 146 -31.94 3.87 -7.20
N ASN B 147 -32.26 4.50 -6.07
CA ASN B 147 -32.13 5.94 -5.90
C ASN B 147 -30.65 6.32 -5.83
N ILE B 148 -30.26 7.27 -6.67
CA ILE B 148 -28.86 7.74 -6.75
C ILE B 148 -28.35 8.35 -5.43
N ARG B 149 -29.29 8.92 -4.66
CA ARG B 149 -29.01 9.56 -3.39
C ARG B 149 -28.22 8.68 -2.41
N GLU B 150 -28.60 7.40 -2.31
CA GLU B 150 -27.99 6.48 -1.34
C GLU B 150 -26.54 6.12 -1.67
N LEU B 151 -26.10 6.42 -2.89
CA LEU B 151 -24.70 6.24 -3.27
C LEU B 151 -23.81 7.30 -2.63
N PHE B 152 -24.37 8.48 -2.37
CA PHE B 152 -23.67 9.56 -1.69
C PHE B 152 -23.40 9.25 -0.21
N GLU B 153 -24.19 8.31 0.33
CA GLU B 153 -24.01 7.83 1.70
C GLU B 153 -22.71 7.04 1.86
N GLU B 154 -22.28 6.40 0.77
CA GLU B 154 -21.05 5.60 0.74
C GLU B 154 -19.78 6.41 0.94
N PHE B 155 -19.89 7.75 0.82
CA PHE B 155 -18.80 8.66 1.15
C PHE B 155 -18.46 8.61 2.63
N ASP B 156 -19.45 8.26 3.45
CA ASP B 156 -19.31 8.18 4.89
C ASP B 156 -18.89 6.77 5.35
N ASN B 157 -18.52 5.93 4.38
CA ASN B 157 -17.97 4.61 4.64
C ASN B 157 -16.47 4.56 4.42
N PHE B 158 -15.91 5.72 4.06
CA PHE B 158 -14.48 5.88 3.81
C PHE B 158 -13.69 5.72 5.10
N LEU B 159 -12.81 4.72 5.13
CA LEU B 159 -11.82 4.61 6.20
C LEU B 159 -10.84 5.77 6.06
N PRO B 160 -10.30 6.29 7.18
CA PRO B 160 -9.38 7.43 7.08
C PRO B 160 -8.21 7.15 6.14
N GLY B 161 -7.82 8.16 5.35
CA GLY B 161 -6.77 8.00 4.36
C GLY B 161 -7.31 7.78 2.96
N ALA B 162 -8.50 7.19 2.87
CA ALA B 162 -9.16 6.94 1.59
C ALA B 162 -9.65 8.24 0.94
N VAL B 163 -9.34 8.39 -0.35
CA VAL B 163 -9.68 9.60 -1.09
C VAL B 163 -10.69 9.33 -2.21
N ILE B 164 -10.67 8.12 -2.76
CA ILE B 164 -11.55 7.74 -3.87
C ILE B 164 -12.33 6.47 -3.57
N GLY B 165 -13.60 6.47 -3.94
CA GLY B 165 -14.44 5.27 -3.90
C GLY B 165 -14.56 4.70 -5.29
N ILE B 166 -14.29 3.41 -5.43
CA ILE B 166 -14.24 2.76 -6.74
C ILE B 166 -14.54 1.26 -6.65
N ALA B 167 -15.32 0.76 -7.61
CA ALA B 167 -15.69 -0.65 -7.65
C ALA B 167 -14.62 -1.49 -8.34
N ARG B 168 -14.63 -2.79 -8.07
CA ARG B 168 -13.63 -3.72 -8.60
C ARG B 168 -13.90 -4.11 -10.05
N GLU B 169 -12.83 -4.39 -10.79
CA GLU B 169 -12.92 -4.85 -12.18
C GLU B 169 -13.38 -6.31 -12.22
N MET B 170 -14.52 -6.54 -12.86
CA MET B 170 -15.14 -7.87 -12.92
C MET B 170 -14.78 -8.61 -14.22
N GLN B 171 -13.53 -8.43 -14.64
CA GLN B 171 -12.98 -9.10 -15.80
C GLN B 171 -11.48 -9.32 -15.58
N PRO B 172 -10.94 -10.44 -16.09
CA PRO B 172 -9.50 -10.72 -15.93
C PRO B 172 -8.60 -9.87 -16.84
N VAL B 173 -8.92 -8.58 -16.97
CA VAL B 173 -8.15 -7.64 -17.79
C VAL B 173 -6.73 -7.47 -17.25
N TYR B 174 -6.61 -7.34 -15.94
CA TYR B 174 -5.32 -7.09 -15.29
C TYR B 174 -4.50 -8.35 -15.08
N ARG B 175 -5.11 -9.51 -15.31
CA ARG B 175 -4.34 -10.75 -15.41
C ARG B 175 -3.41 -10.63 -16.61
N HIS B 176 -3.91 -10.03 -17.69
CA HIS B 176 -3.12 -9.80 -18.90
C HIS B 176 -2.18 -8.62 -18.75
N THR B 177 -2.72 -7.48 -18.33
CA THR B 177 -1.93 -6.23 -18.23
C THR B 177 -0.70 -6.40 -17.33
N PHE B 178 -0.88 -7.03 -16.18
CA PHE B 178 0.22 -7.27 -15.25
C PHE B 178 1.03 -8.53 -15.58
N TRP B 179 0.98 -8.96 -16.85
CA TRP B 179 1.62 -10.22 -17.27
C TRP B 179 3.02 -10.43 -16.74
N GLN B 180 3.91 -9.47 -17.01
CA GLN B 180 5.33 -9.65 -16.69
C GLN B 180 5.58 -9.71 -15.19
N PHE B 181 4.90 -8.85 -14.45
CA PHE B 181 5.00 -8.81 -12.99
C PHE B 181 4.52 -10.12 -12.37
N ARG B 182 3.41 -10.65 -12.90
CA ARG B 182 2.84 -11.91 -12.44
C ARG B 182 3.72 -13.10 -12.84
N HIS B 183 4.48 -12.93 -13.92
CA HIS B 183 5.43 -13.94 -14.37
C HIS B 183 6.66 -13.94 -13.50
N GLU B 184 7.14 -12.75 -13.15
CA GLU B 184 8.32 -12.59 -12.31
C GLU B 184 8.04 -12.90 -10.85
N ASN B 185 6.80 -12.65 -10.42
CA ASN B 185 6.38 -12.91 -9.04
C ASN B 185 5.23 -13.90 -9.02
N PRO B 186 5.54 -15.21 -8.96
CA PRO B 186 4.53 -16.28 -9.07
C PRO B 186 3.45 -16.25 -7.97
N LYS B 187 3.85 -15.88 -6.76
CA LYS B 187 2.94 -15.91 -5.60
C LYS B 187 2.08 -14.65 -5.43
N THR B 188 2.29 -13.65 -6.29
CA THR B 188 1.61 -12.36 -6.17
C THR B 188 0.08 -12.44 -6.23
N ARG B 189 -0.58 -11.42 -5.70
CA ARG B 189 -2.04 -11.35 -5.72
C ARG B 189 -2.56 -10.21 -6.61
N VAL B 190 -1.65 -9.54 -7.30
CA VAL B 190 -2.03 -8.53 -8.29
C VAL B 190 -2.62 -9.24 -9.53
N GLY B 191 -3.82 -8.82 -9.92
CA GLY B 191 -4.51 -9.44 -11.04
C GLY B 191 -5.34 -10.66 -10.67
N ASP B 192 -5.15 -11.19 -9.47
CA ASP B 192 -5.90 -12.34 -8.97
C ASP B 192 -7.36 -11.99 -8.64
N PRO B 193 -8.27 -12.99 -8.71
CA PRO B 193 -9.69 -12.74 -8.45
C PRO B 193 -10.06 -12.66 -6.97
N PRO B 194 -11.21 -12.03 -6.64
CA PRO B 194 -11.80 -11.96 -5.30
C PRO B 194 -12.10 -13.34 -4.69
N PRO B 195 -12.24 -13.42 -3.36
CA PRO B 195 -12.14 -12.30 -2.41
C PRO B 195 -10.74 -12.07 -1.86
N GLU B 196 -9.80 -12.96 -2.22
CA GLU B 196 -8.44 -12.91 -1.71
C GLU B 196 -7.55 -11.93 -2.49
N GLY B 197 -7.56 -12.08 -3.81
CA GLY B 197 -6.67 -11.31 -4.69
C GLY B 197 -7.18 -9.93 -5.07
N LEU B 198 -6.29 -9.14 -5.68
CA LEU B 198 -6.61 -7.79 -6.13
C LEU B 198 -6.81 -7.77 -7.64
N PRO B 199 -8.08 -7.71 -8.09
CA PRO B 199 -8.41 -7.82 -9.51
C PRO B 199 -8.30 -6.52 -10.30
N GLY B 200 -8.16 -5.40 -9.58
CA GLY B 200 -8.11 -4.08 -10.21
C GLY B 200 -9.44 -3.36 -10.08
N PHE B 201 -9.44 -2.07 -10.43
CA PHE B 201 -10.62 -1.23 -10.31
C PHE B 201 -11.29 -0.99 -11.68
N ASN B 202 -12.53 -0.50 -11.63
CA ASN B 202 -13.26 -0.11 -12.84
C ASN B 202 -13.79 1.32 -12.72
N SER B 203 -13.51 2.14 -13.73
CA SER B 203 -13.81 3.57 -13.68
C SER B 203 -15.27 3.93 -13.98
N GLY B 204 -16.12 2.92 -14.16
CA GLY B 204 -17.53 3.12 -14.48
C GLY B 204 -18.30 3.96 -13.48
N VAL B 205 -18.07 3.67 -12.20
CA VAL B 205 -18.62 4.48 -11.09
C VAL B 205 -17.46 4.83 -10.16
N MET B 206 -17.25 6.13 -9.96
CA MET B 206 -16.15 6.60 -9.12
C MET B 206 -16.59 7.70 -8.16
N LEU B 207 -16.60 7.38 -6.86
CA LEU B 207 -16.84 8.38 -5.83
C LEU B 207 -15.56 9.16 -5.58
N LEU B 208 -15.56 10.41 -6.02
CA LEU B 208 -14.37 11.25 -5.95
C LEU B 208 -14.49 12.30 -4.85
N ASN B 209 -13.98 11.97 -3.66
CA ASN B 209 -13.93 12.91 -2.55
C ASN B 209 -12.84 13.93 -2.79
N LEU B 210 -13.23 15.08 -3.33
CA LEU B 210 -12.30 16.10 -3.83
C LEU B 210 -11.45 16.74 -2.75
N GLU B 211 -12.06 17.03 -1.59
CA GLU B 211 -11.33 17.62 -0.47
C GLU B 211 -10.31 16.64 0.15
N ALA B 212 -10.67 15.35 0.15
CA ALA B 212 -9.77 14.31 0.64
C ALA B 212 -8.50 14.22 -0.20
N MET B 213 -8.66 14.40 -1.51
CA MET B 213 -7.52 14.38 -2.44
C MET B 213 -6.64 15.60 -2.29
N ARG B 214 -7.26 16.75 -2.03
CA ARG B 214 -6.54 18.00 -1.83
C ARG B 214 -5.63 17.94 -0.60
N GLN B 215 -6.16 17.37 0.48
CA GLN B 215 -5.44 17.32 1.76
C GLN B 215 -4.37 16.23 1.81
N SER B 216 -4.67 15.07 1.24
CA SER B 216 -3.75 13.93 1.23
C SER B 216 -2.41 14.28 0.59
N PRO B 217 -1.32 14.22 1.36
CA PRO B 217 0.00 14.48 0.80
C PRO B 217 0.49 13.34 -0.08
N LEU B 218 0.10 12.11 0.26
CA LEU B 218 0.48 10.92 -0.49
C LEU B 218 -0.07 10.93 -1.92
N TYR B 219 -1.37 11.25 -2.06
CA TYR B 219 -2.04 11.23 -3.36
C TYR B 219 -1.45 12.25 -4.35
N SER B 220 -1.09 13.42 -3.84
CA SER B 220 -0.48 14.47 -4.67
C SER B 220 0.90 14.04 -5.17
N HIS B 221 1.59 13.22 -4.37
CA HIS B 221 2.88 12.67 -4.76
C HIS B 221 2.75 11.61 -5.81
N LEU B 222 1.64 10.89 -5.80
CA LEU B 222 1.40 9.82 -6.76
C LEU B 222 0.95 10.34 -8.13
N LEU B 223 0.91 11.67 -8.27
CA LEU B 223 0.66 12.32 -9.55
C LEU B 223 1.96 12.85 -10.17
N GLU B 224 3.02 12.88 -9.37
CA GLU B 224 4.31 13.40 -9.82
C GLU B 224 5.06 12.41 -10.72
N PRO B 225 5.66 12.92 -11.81
CA PRO B 225 6.45 12.16 -12.78
C PRO B 225 7.27 11.02 -12.17
N SER B 226 8.07 11.33 -11.16
CA SER B 226 9.02 10.38 -10.56
C SER B 226 8.36 9.13 -9.98
N TRP B 227 7.25 9.34 -9.25
CA TRP B 227 6.56 8.26 -8.56
C TRP B 227 5.89 7.31 -9.51
N VAL B 228 5.16 7.88 -10.48
CA VAL B 228 4.44 7.11 -11.49
C VAL B 228 5.40 6.24 -12.32
N GLN B 229 6.53 6.82 -12.70
CA GLN B 229 7.55 6.11 -13.47
C GLN B 229 8.10 4.90 -12.71
N GLN B 230 8.43 5.10 -11.44
CA GLN B 230 9.00 4.05 -10.60
C GLN B 230 8.03 2.89 -10.40
N LEU B 231 6.75 3.20 -10.22
CA LEU B 231 5.71 2.18 -10.08
C LEU B 231 5.44 1.46 -11.39
N ALA B 232 5.45 2.21 -12.50
CA ALA B 232 5.32 1.62 -13.83
C ALA B 232 6.48 0.68 -14.14
N ASP B 233 7.69 1.09 -13.75
CA ASP B 233 8.87 0.24 -13.88
C ASP B 233 8.76 -1.03 -13.03
N LYS B 234 8.20 -0.88 -11.83
CA LYS B 234 7.98 -1.99 -10.92
C LYS B 234 6.97 -2.99 -11.48
N TYR B 235 5.79 -2.48 -11.84
CA TYR B 235 4.69 -3.32 -12.28
C TYR B 235 4.72 -3.65 -13.78
N HIS B 236 5.71 -3.12 -14.49
CA HIS B 236 5.84 -3.28 -15.94
C HIS B 236 4.56 -2.86 -16.64
N PHE B 237 4.14 -1.63 -16.36
CA PHE B 237 2.81 -1.18 -16.77
C PHE B 237 2.79 -0.44 -18.10
N ARG B 238 2.08 -1.04 -19.06
CA ARG B 238 1.75 -0.40 -20.33
C ARG B 238 0.28 -0.69 -20.65
N GLY B 239 -0.60 0.06 -20.00
CA GLY B 239 -2.04 -0.12 -20.17
C GLY B 239 -2.63 0.74 -21.26
N HIS B 240 -3.94 0.62 -21.45
CA HIS B 240 -4.66 1.31 -22.53
C HIS B 240 -6.01 1.81 -22.08
N LEU B 241 -6.29 1.69 -20.79
CA LEU B 241 -7.64 1.95 -20.27
C LEU B 241 -7.79 3.27 -19.49
N GLY B 242 -6.80 4.14 -19.63
CA GLY B 242 -6.87 5.50 -19.09
C GLY B 242 -6.71 5.60 -17.58
N ASP B 243 -7.59 6.37 -16.94
CA ASP B 243 -7.54 6.64 -15.50
C ASP B 243 -7.71 5.38 -14.66
N GLN B 244 -8.53 4.46 -15.16
CA GLN B 244 -8.77 3.17 -14.52
C GLN B 244 -7.45 2.43 -14.27
N ASP B 245 -6.56 2.47 -15.25
CA ASP B 245 -5.23 1.85 -15.17
C ASP B 245 -4.34 2.56 -14.15
N PHE B 246 -4.45 3.89 -14.09
CA PHE B 246 -3.70 4.68 -13.12
C PHE B 246 -4.17 4.38 -11.70
N PHE B 247 -5.49 4.31 -11.50
CA PHE B 247 -6.07 4.01 -10.20
C PHE B 247 -5.77 2.57 -9.76
N THR B 248 -5.82 1.64 -10.70
CA THR B 248 -5.50 0.24 -10.43
C THR B 248 -4.06 0.10 -9.93
N MET B 249 -3.12 0.70 -10.67
CA MET B 249 -1.69 0.56 -10.37
C MET B 249 -1.30 1.18 -9.03
N ILE B 250 -1.67 2.44 -8.80
CA ILE B 250 -1.39 3.10 -7.52
C ILE B 250 -2.15 2.40 -6.38
N GLY B 251 -3.31 1.83 -6.72
CA GLY B 251 -4.12 1.05 -5.78
C GLY B 251 -3.44 -0.24 -5.34
N MET B 252 -2.62 -0.80 -6.22
CA MET B 252 -1.82 -1.98 -5.88
C MET B 252 -0.78 -1.62 -4.82
N GLU B 253 -0.14 -0.47 -5.00
CA GLU B 253 0.90 -0.01 -4.09
C GLU B 253 0.31 0.56 -2.79
N HIS B 254 -0.85 1.22 -2.89
CA HIS B 254 -1.50 1.82 -1.73
C HIS B 254 -2.98 1.56 -1.71
N PRO B 255 -3.39 0.37 -1.21
CA PRO B 255 -4.82 0.03 -1.13
C PRO B 255 -5.61 0.93 -0.18
N GLU B 256 -4.89 1.66 0.68
CA GLU B 256 -5.47 2.51 1.72
C GLU B 256 -6.16 3.77 1.18
N LEU B 257 -5.71 4.23 0.02
CA LEU B 257 -6.25 5.45 -0.60
C LEU B 257 -7.64 5.25 -1.19
N PHE B 258 -8.05 4.00 -1.32
CA PHE B 258 -9.30 3.67 -1.98
C PHE B 258 -10.29 2.97 -1.06
N HIS B 259 -11.52 3.48 -1.03
CA HIS B 259 -12.62 2.73 -0.47
C HIS B 259 -13.14 1.82 -1.54
N VAL B 260 -12.83 0.53 -1.39
CA VAL B 260 -13.28 -0.48 -2.36
C VAL B 260 -14.80 -0.59 -2.28
N LEU B 261 -15.46 -0.09 -3.33
CA LEU B 261 -16.91 -0.07 -3.40
C LEU B 261 -17.44 -1.48 -3.67
N ASP B 262 -18.67 -1.73 -3.24
CA ASP B 262 -19.30 -3.04 -3.40
C ASP B 262 -19.69 -3.28 -4.86
N CYS B 263 -19.55 -4.53 -5.30
CA CYS B 263 -19.75 -4.89 -6.71
C CYS B 263 -21.17 -4.63 -7.24
N THR B 264 -22.15 -4.59 -6.34
CA THR B 264 -23.53 -4.34 -6.70
C THR B 264 -23.76 -2.92 -7.22
N TRP B 265 -22.81 -2.02 -6.95
CA TRP B 265 -22.89 -0.62 -7.37
C TRP B 265 -22.37 -0.37 -8.76
N ASN B 266 -21.64 -1.34 -9.29
CA ASN B 266 -21.05 -1.23 -10.63
C ASN B 266 -20.93 -2.63 -11.23
N ARG B 267 -22.09 -3.24 -11.45
CA ARG B 267 -22.18 -4.57 -12.00
C ARG B 267 -21.85 -4.54 -13.50
N GLN B 268 -20.63 -4.91 -13.83
CA GLN B 268 -20.19 -4.94 -15.23
C GLN B 268 -20.71 -6.21 -15.89
N LEU B 269 -21.14 -6.07 -17.15
CA LEU B 269 -21.75 -7.17 -17.88
C LEU B 269 -20.86 -7.73 -18.98
N CYS B 270 -19.82 -6.99 -19.34
CA CYS B 270 -18.92 -7.39 -20.43
C CYS B 270 -18.35 -8.78 -20.23
N THR B 271 -18.42 -9.57 -21.30
CA THR B 271 -18.03 -10.98 -21.28
C THR B 271 -16.83 -11.22 -22.20
N TRP B 272 -16.40 -10.17 -22.89
CA TRP B 272 -15.34 -10.25 -23.90
C TRP B 272 -14.20 -11.17 -23.56
N TRP B 273 -13.69 -11.05 -22.32
CA TRP B 273 -12.51 -11.80 -21.90
C TRP B 273 -12.72 -13.28 -21.72
N ARG B 274 -13.95 -13.68 -21.43
CA ARG B 274 -14.31 -15.10 -21.34
C ARG B 274 -14.09 -15.79 -22.69
N ASP B 275 -14.54 -15.13 -23.75
CA ASP B 275 -14.59 -15.71 -25.09
C ASP B 275 -13.29 -15.53 -25.88
N HIS B 276 -12.26 -15.00 -25.22
CA HIS B 276 -10.99 -14.73 -25.90
C HIS B 276 -9.78 -15.26 -25.16
N GLY B 277 -9.92 -16.45 -24.58
CA GLY B 277 -8.78 -17.19 -24.03
C GLY B 277 -8.60 -17.18 -22.52
N TYR B 278 -9.54 -16.57 -21.81
CA TYR B 278 -9.47 -16.48 -20.35
C TYR B 278 -10.75 -17.01 -19.72
N SER B 279 -11.23 -18.14 -20.25
CA SER B 279 -12.49 -18.75 -19.83
C SER B 279 -12.37 -19.56 -18.54
N ASP B 280 -11.16 -20.07 -18.29
CA ASP B 280 -10.89 -20.91 -17.13
C ASP B 280 -11.08 -20.18 -15.81
N VAL B 281 -10.74 -18.89 -15.78
CA VAL B 281 -10.72 -18.10 -14.56
C VAL B 281 -11.80 -17.01 -14.51
N PHE B 282 -12.49 -16.81 -15.63
CA PHE B 282 -13.42 -15.68 -15.82
C PHE B 282 -14.46 -15.50 -14.72
N GLN B 283 -15.24 -16.55 -14.45
CA GLN B 283 -16.36 -16.49 -13.51
C GLN B 283 -15.93 -16.05 -12.12
N ALA B 284 -14.70 -16.38 -11.75
CA ALA B 284 -14.13 -15.97 -10.46
C ALA B 284 -14.03 -14.46 -10.30
N TYR B 285 -13.79 -13.75 -11.40
CA TYR B 285 -13.74 -12.29 -11.43
C TYR B 285 -15.13 -11.70 -11.61
N PHE B 286 -15.89 -12.30 -12.53
CA PHE B 286 -17.16 -11.75 -13.01
C PHE B 286 -18.31 -11.87 -12.01
N ARG B 287 -18.22 -12.85 -11.11
CA ARG B 287 -19.29 -13.15 -10.16
C ARG B 287 -19.56 -11.98 -9.19
N CYS B 288 -20.81 -11.54 -9.17
CA CYS B 288 -21.27 -10.54 -8.22
C CYS B 288 -22.68 -10.91 -7.77
N GLU B 289 -22.78 -11.47 -6.56
CA GLU B 289 -24.06 -11.93 -6.03
C GLU B 289 -24.62 -10.96 -4.99
N GLY B 290 -25.90 -10.66 -5.13
CA GLY B 290 -26.59 -9.72 -4.25
C GLY B 290 -27.70 -9.01 -5.00
N HIS B 291 -27.95 -7.76 -4.65
CA HIS B 291 -28.97 -6.95 -5.31
C HIS B 291 -28.33 -5.83 -6.08
N VAL B 292 -28.42 -5.92 -7.42
CA VAL B 292 -27.79 -4.94 -8.31
C VAL B 292 -28.36 -3.54 -8.11
N LYS B 293 -27.48 -2.62 -7.72
CA LYS B 293 -27.84 -1.21 -7.53
C LYS B 293 -27.71 -0.45 -8.85
N ILE B 294 -26.60 -0.67 -9.56
CA ILE B 294 -26.37 -0.09 -10.89
C ILE B 294 -25.74 -1.11 -11.83
N TYR B 295 -26.32 -1.25 -13.02
CA TYR B 295 -25.77 -2.08 -14.08
C TYR B 295 -24.74 -1.33 -14.92
N HIS B 296 -23.77 -2.06 -15.45
CA HIS B 296 -22.78 -1.49 -16.36
C HIS B 296 -22.72 -2.31 -17.62
N GLY B 297 -23.17 -1.72 -18.72
CA GLY B 297 -23.18 -2.40 -20.01
C GLY B 297 -21.96 -2.06 -20.86
N ASN B 298 -20.77 -2.14 -20.23
CA ASN B 298 -19.50 -1.84 -20.90
C ASN B 298 -19.22 -2.78 -22.08
N CYS B 299 -18.30 -2.35 -22.95
CA CYS B 299 -18.04 -3.00 -24.25
C CYS B 299 -19.33 -3.21 -25.06
N ASN B 300 -20.23 -2.22 -24.97
CA ASN B 300 -21.52 -2.20 -25.68
C ASN B 300 -22.47 -3.36 -25.39
N THR B 301 -22.24 -4.05 -24.26
CA THR B 301 -23.12 -5.15 -23.84
C THR B 301 -24.50 -4.60 -23.47
N PRO B 302 -25.55 -5.18 -24.06
CA PRO B 302 -26.93 -4.76 -23.75
C PRO B 302 -27.32 -5.01 -22.30
N ILE B 303 -28.09 -4.07 -21.74
CA ILE B 303 -28.60 -4.18 -20.37
C ILE B 303 -30.06 -4.63 -20.41
N PRO B 304 -30.40 -5.72 -19.70
CA PRO B 304 -31.78 -6.19 -19.61
C PRO B 304 -32.65 -5.29 -18.74
#